data_5T0M
#
_entry.id   5T0M
#
_cell.length_a   56.623
_cell.length_b   78.284
_cell.length_c   71.803
_cell.angle_alpha   90.00
_cell.angle_beta   91.16
_cell.angle_gamma   90.00
#
_symmetry.space_group_name_H-M   'P 1 21 1'
#
loop_
_entity.id
_entity.type
_entity.pdbx_description
1 polymer 'Histone-lysine N-methyltransferase EHMT2'
2 polymer THR-LYS-GLN-THR-ALA-ARG-NLE-SER-THR-GLY
3 non-polymer 'ZINC ION'
4 non-polymer S-ADENOSYLMETHIONINE
5 non-polymer S-ADENOSYL-L-HOMOCYSTEINE
6 water water
#
loop_
_entity_poly.entity_id
_entity_poly.type
_entity_poly.pdbx_seq_one_letter_code
_entity_poly.pdbx_strand_id
1 'polypeptide(L)'
;NRAIRTEKIICRDVARGYENVPIPCVNGVDGEPCPEDYKYISENCETSTMNIDRNITHLQHCTCVDDCSSSNCLCGQLSI
RCWYDKDGRLLQEFNKIEPPLIFECNQACSCWRNCKNRVVQSGIKVRLQLYRTAKMGWGVRALQTIPQGTFICEYVGELI
SDAEADVREDDSYLFDLDNKDGEVYCIDARYYGNISRFINHLCDPNIIPVRVFMLHQDLRFPRIAFFSSRDIRTGEELGF
DYGDRFWDIKSKYFTCQCGSEKCKHSAEAIALEQSRLARLD
;
A,B
2 'polypeptide(L)' ARTKQTAR(NLE)STGGKA P,C
#
# COMPACT_ATOMS: atom_id res chain seq x y z
N ILE A 9 -3.84 -4.69 28.11
CA ILE A 9 -3.27 -4.49 29.43
C ILE A 9 -2.25 -5.57 29.74
N ILE A 10 -1.99 -6.43 28.77
CA ILE A 10 -0.85 -7.32 28.80
C ILE A 10 0.06 -6.98 27.61
N CYS A 11 -0.55 -6.68 26.48
N CYS A 11 -0.55 -6.72 26.46
CA CYS A 11 0.17 -6.17 25.31
CA CYS A 11 0.17 -6.16 25.31
C CYS A 11 -0.61 -5.01 24.72
C CYS A 11 -0.63 -4.99 24.78
N ARG A 12 0.04 -3.86 24.58
CA ARG A 12 -0.66 -2.64 24.16
C ARG A 12 -1.07 -2.67 22.68
N ASP A 13 -0.37 -3.44 21.86
CA ASP A 13 -0.76 -3.54 20.45
C ASP A 13 -0.14 -4.73 19.76
N VAL A 14 -0.95 -5.76 19.50
CA VAL A 14 -0.43 -6.97 18.89
C VAL A 14 -0.06 -6.75 17.43
N ALA A 15 -0.57 -5.66 16.87
CA ALA A 15 -0.29 -5.31 15.47
C ALA A 15 0.98 -4.48 15.31
N ARG A 16 1.62 -4.15 16.44
CA ARG A 16 2.89 -3.42 16.43
C ARG A 16 2.82 -2.15 15.56
N GLY A 17 1.68 -1.45 15.62
CA GLY A 17 1.51 -0.19 14.93
C GLY A 17 1.14 -0.28 13.45
N TYR A 18 0.84 -1.48 12.97
CA TYR A 18 0.53 -1.64 11.54
C TYR A 18 -0.92 -1.32 11.17
N GLU A 19 -1.82 -1.25 12.14
CA GLU A 19 -3.22 -0.93 11.85
C GLU A 19 -3.51 0.54 12.16
N ASN A 20 -4.67 1.04 11.71
CA ASN A 20 -5.07 2.42 12.02
C ASN A 20 -5.19 2.65 13.51
N VAL A 21 -5.54 1.59 14.24
CA VAL A 21 -5.78 1.66 15.68
C VAL A 21 -5.01 0.55 16.39
N PRO A 22 -4.61 0.78 17.65
CA PRO A 22 -3.92 -0.32 18.33
C PRO A 22 -4.89 -1.42 18.69
N ILE A 23 -4.40 -2.66 18.80
CA ILE A 23 -5.23 -3.80 19.16
C ILE A 23 -4.61 -4.50 20.38
N PRO A 24 -5.06 -4.12 21.58
CA PRO A 24 -4.44 -4.63 22.80
C PRO A 24 -4.84 -6.08 23.07
N CYS A 25 -4.04 -6.76 23.90
CA CYS A 25 -4.30 -8.15 24.29
C CYS A 25 -4.35 -8.21 25.81
N VAL A 26 -5.36 -8.90 26.33
CA VAL A 26 -5.49 -9.10 27.78
C VAL A 26 -5.84 -10.56 28.08
N ASN A 27 -5.50 -11.03 29.29
CA ASN A 27 -5.88 -12.37 29.70
C ASN A 27 -6.36 -12.30 31.14
N GLY A 28 -7.67 -12.41 31.36
CA GLY A 28 -8.21 -12.47 32.70
C GLY A 28 -8.78 -13.83 33.03
N VAL A 29 -8.35 -14.86 32.29
CA VAL A 29 -8.90 -16.20 32.49
C VAL A 29 -7.90 -17.24 32.97
N ASP A 30 -6.76 -17.37 32.30
CA ASP A 30 -5.78 -18.36 32.72
C ASP A 30 -4.39 -17.77 32.65
N GLY A 31 -3.36 -18.63 32.66
CA GLY A 31 -2.00 -18.12 32.73
C GLY A 31 -1.29 -18.00 31.39
N GLU A 32 -2.00 -18.19 30.28
CA GLU A 32 -1.34 -18.18 28.98
C GLU A 32 -0.94 -16.77 28.58
N PRO A 33 0.34 -16.56 28.28
CA PRO A 33 0.82 -15.27 27.81
C PRO A 33 0.20 -14.90 26.47
N CYS A 34 0.19 -13.62 26.13
CA CYS A 34 -0.35 -13.18 24.86
C CYS A 34 0.42 -13.88 23.73
N PRO A 35 -0.30 -14.32 22.69
CA PRO A 35 0.30 -15.25 21.71
C PRO A 35 1.40 -14.63 20.85
N GLU A 36 2.43 -15.44 20.58
CA GLU A 36 3.57 -15.00 19.79
C GLU A 36 4.12 -16.06 18.83
N ASP A 37 3.34 -17.12 18.61
CA ASP A 37 3.76 -18.20 17.71
C ASP A 37 3.25 -17.98 16.29
N TYR A 38 3.30 -16.72 15.86
CA TYR A 38 2.87 -16.36 14.51
C TYR A 38 3.47 -15.00 14.19
N LYS A 39 3.47 -14.65 12.90
CA LYS A 39 3.94 -13.35 12.49
C LYS A 39 2.75 -12.46 12.15
N TYR A 40 2.57 -11.36 12.90
CA TYR A 40 1.48 -10.44 12.59
C TYR A 40 1.81 -9.68 11.32
N ILE A 41 0.89 -9.72 10.37
CA ILE A 41 1.00 -8.92 9.16
C ILE A 41 -0.34 -8.26 8.90
N SER A 42 -0.32 -7.07 8.35
CA SER A 42 -1.57 -6.32 8.19
C SER A 42 -2.16 -6.47 6.79
N GLU A 43 -1.37 -7.02 5.85
CA GLU A 43 -1.83 -7.33 4.50
C GLU A 43 -1.37 -8.72 4.08
N ASN A 44 -2.13 -9.35 3.19
CA ASN A 44 -1.79 -10.69 2.70
C ASN A 44 -0.37 -10.79 2.12
N CYS A 45 0.30 -11.92 2.38
CA CYS A 45 1.65 -12.15 1.87
C CYS A 45 1.70 -13.36 0.94
N GLU A 46 2.77 -13.45 0.17
CA GLU A 46 3.01 -14.59 -0.71
C GLU A 46 4.26 -15.34 -0.28
N THR A 47 4.26 -16.65 -0.48
CA THR A 47 5.42 -17.48 -0.15
C THR A 47 5.82 -18.36 -1.31
N SER A 48 5.16 -18.16 -2.44
CA SER A 48 5.50 -18.83 -3.69
C SER A 48 5.03 -17.97 -4.86
N THR A 49 5.26 -18.44 -6.08
CA THR A 49 4.92 -17.69 -7.29
C THR A 49 3.42 -17.68 -7.52
N MET A 50 2.81 -16.51 -7.40
CA MET A 50 1.37 -16.35 -7.50
C MET A 50 0.95 -15.49 -8.71
N ASN A 51 1.77 -14.49 -9.01
CA ASN A 51 1.52 -13.55 -10.09
C ASN A 51 0.10 -12.99 -10.12
N ILE A 52 -0.28 -12.33 -9.04
CA ILE A 52 -1.56 -11.65 -9.04
C ILE A 52 -1.58 -10.62 -10.16
N ASP A 53 -2.68 -10.56 -10.86
CA ASP A 53 -2.82 -9.66 -11.99
C ASP A 53 -3.05 -8.25 -11.46
N ARG A 54 -1.99 -7.43 -11.49
CA ARG A 54 -2.05 -6.02 -11.06
C ARG A 54 -1.99 -5.04 -12.22
N ASN A 55 -2.25 -5.54 -13.42
CA ASN A 55 -2.22 -4.67 -14.61
C ASN A 55 -3.27 -3.58 -14.48
N ILE A 56 -2.83 -2.33 -14.37
CA ILE A 56 -3.75 -1.22 -14.13
C ILE A 56 -4.71 -1.05 -15.33
N THR A 57 -4.28 -1.47 -16.51
CA THR A 57 -5.12 -1.36 -17.70
C THR A 57 -6.22 -2.43 -17.67
N HIS A 58 -6.06 -3.43 -16.81
CA HIS A 58 -7.05 -4.50 -16.70
C HIS A 58 -8.20 -4.13 -15.77
N LEU A 59 -8.01 -3.10 -14.97
CA LEU A 59 -8.98 -2.73 -13.94
C LEU A 59 -10.25 -2.11 -14.53
N GLN A 60 -11.40 -2.67 -14.18
CA GLN A 60 -12.64 -1.95 -14.43
C GLN A 60 -12.73 -0.81 -13.42
N HIS A 61 -13.10 0.37 -13.91
CA HIS A 61 -13.08 1.58 -13.09
C HIS A 61 -14.17 2.53 -13.52
N CYS A 62 -14.47 3.51 -12.68
CA CYS A 62 -15.54 4.46 -12.97
C CYS A 62 -15.01 5.82 -13.37
N THR A 63 -15.89 6.63 -13.95
CA THR A 63 -15.52 7.95 -14.42
C THR A 63 -16.14 9.07 -13.58
N CYS A 64 -16.70 8.71 -12.42
CA CYS A 64 -17.34 9.66 -11.51
C CYS A 64 -16.44 10.82 -11.12
N VAL A 65 -16.99 12.04 -11.11
CA VAL A 65 -16.30 13.17 -10.50
C VAL A 65 -17.06 13.68 -9.27
N ASP A 66 -18.05 12.89 -8.83
CA ASP A 66 -18.70 13.17 -7.56
C ASP A 66 -18.12 12.17 -6.56
N ASP A 67 -18.84 11.86 -5.50
CA ASP A 67 -18.33 11.01 -4.43
C ASP A 67 -18.73 9.54 -4.61
N CYS A 68 -19.13 9.19 -5.83
CA CYS A 68 -19.57 7.86 -6.21
C CYS A 68 -20.80 7.39 -5.42
N SER A 69 -21.71 8.31 -5.14
CA SER A 69 -22.98 7.95 -4.50
C SER A 69 -24.10 7.72 -5.53
N SER A 70 -23.81 7.96 -6.80
CA SER A 70 -24.83 7.84 -7.83
C SER A 70 -24.88 6.42 -8.38
N SER A 71 -26.02 6.03 -8.92
CA SER A 71 -26.17 4.67 -9.46
C SER A 71 -25.46 4.49 -10.80
N ASN A 72 -24.88 5.56 -11.33
CA ASN A 72 -24.14 5.52 -12.60
C ASN A 72 -22.70 5.06 -12.40
N CYS A 73 -22.24 5.04 -11.15
CA CYS A 73 -20.90 4.58 -10.84
C CYS A 73 -20.73 3.13 -11.30
N LEU A 74 -19.79 2.89 -12.22
CA LEU A 74 -19.61 1.54 -12.75
C LEU A 74 -19.20 0.57 -11.65
N CYS A 75 -18.36 1.05 -10.74
CA CYS A 75 -17.84 0.19 -9.69
C CYS A 75 -18.98 -0.32 -8.81
N GLY A 76 -19.92 0.56 -8.51
CA GLY A 76 -21.14 0.19 -7.84
C GLY A 76 -21.93 -0.83 -8.65
N GLN A 77 -22.03 -0.60 -9.95
CA GLN A 77 -22.79 -1.51 -10.81
C GLN A 77 -22.20 -2.92 -10.86
N LEU A 78 -20.88 -3.05 -10.81
CA LEU A 78 -20.23 -4.35 -10.78
C LEU A 78 -20.63 -5.11 -9.52
N SER A 79 -20.94 -4.34 -8.48
CA SER A 79 -21.36 -4.87 -7.18
C SER A 79 -22.88 -5.04 -7.11
N ILE A 80 -23.54 -4.99 -8.28
CA ILE A 80 -24.99 -4.85 -8.41
C ILE A 80 -25.42 -3.42 -8.08
N ARG A 81 -25.03 -2.94 -6.90
CA ARG A 81 -25.06 -1.53 -6.55
C ARG A 81 -24.01 -1.33 -5.47
N CYS A 82 -23.64 -0.09 -5.16
CA CYS A 82 -22.75 0.11 -4.03
C CYS A 82 -23.57 -0.14 -2.77
N TRP A 83 -23.05 -0.98 -1.88
CA TRP A 83 -23.83 -1.38 -0.70
C TRP A 83 -23.50 -0.56 0.54
N TYR A 84 -22.64 0.44 0.38
CA TYR A 84 -22.23 1.27 1.51
C TYR A 84 -23.10 2.51 1.65
N ASP A 85 -23.58 2.79 2.86
CA ASP A 85 -24.31 4.04 3.07
C ASP A 85 -23.34 5.20 3.25
N LYS A 86 -23.86 6.35 3.65
CA LYS A 86 -23.05 7.55 3.76
C LYS A 86 -21.98 7.43 4.84
N ASP A 87 -22.20 6.52 5.79
CA ASP A 87 -21.26 6.29 6.88
C ASP A 87 -20.39 5.05 6.68
N GLY A 88 -20.46 4.47 5.48
CA GLY A 88 -19.62 3.33 5.15
C GLY A 88 -20.07 2.00 5.73
N ARG A 89 -21.33 1.93 6.13
CA ARG A 89 -21.90 0.68 6.61
C ARG A 89 -22.75 0.01 5.54
N LEU A 90 -22.81 -1.32 5.57
CA LEU A 90 -23.65 -2.05 4.62
C LEU A 90 -25.13 -1.66 4.79
N LEU A 91 -25.85 -1.57 3.68
CA LEU A 91 -27.29 -1.32 3.74
C LEU A 91 -27.96 -2.48 4.49
N GLN A 92 -29.08 -2.20 5.16
CA GLN A 92 -29.80 -3.20 5.94
C GLN A 92 -30.26 -4.35 5.06
N GLU A 93 -30.59 -4.03 3.81
CA GLU A 93 -31.13 -5.03 2.89
C GLU A 93 -30.02 -5.75 2.12
N PHE A 94 -28.79 -5.64 2.62
CA PHE A 94 -27.66 -6.38 2.06
C PHE A 94 -27.83 -7.87 2.33
N ASN A 95 -27.59 -8.69 1.31
CA ASN A 95 -27.76 -10.13 1.43
C ASN A 95 -26.69 -10.76 2.33
N LYS A 96 -27.05 -10.99 3.59
CA LYS A 96 -26.12 -11.48 4.60
C LYS A 96 -25.89 -12.99 4.52
N ILE A 97 -26.81 -13.70 3.86
CA ILE A 97 -26.68 -15.15 3.73
C ILE A 97 -25.82 -15.51 2.51
N GLU A 98 -26.11 -14.88 1.39
CA GLU A 98 -25.34 -15.09 0.16
C GLU A 98 -24.86 -13.75 -0.39
N PRO A 99 -23.74 -13.24 0.15
CA PRO A 99 -23.21 -11.92 -0.20
C PRO A 99 -22.79 -11.77 -1.65
N PRO A 100 -23.04 -10.60 -2.24
CA PRO A 100 -22.53 -10.33 -3.59
C PRO A 100 -21.02 -10.07 -3.55
N LEU A 101 -20.35 -10.13 -4.70
CA LEU A 101 -18.97 -9.67 -4.78
C LEU A 101 -18.96 -8.15 -4.70
N ILE A 102 -18.05 -7.58 -3.92
CA ILE A 102 -17.95 -6.13 -3.86
C ILE A 102 -16.71 -5.62 -4.60
N PHE A 103 -16.95 -4.69 -5.52
CA PHE A 103 -15.86 -4.02 -6.20
C PHE A 103 -15.73 -2.58 -5.73
N GLU A 104 -14.72 -2.34 -4.90
CA GLU A 104 -14.46 -0.98 -4.47
C GLU A 104 -13.77 -0.18 -5.56
N CYS A 105 -13.79 1.15 -5.44
CA CYS A 105 -13.06 1.99 -6.38
C CYS A 105 -11.57 1.78 -6.20
N ASN A 106 -10.80 2.18 -7.20
CA ASN A 106 -9.39 1.83 -7.24
C ASN A 106 -8.58 2.97 -7.84
N GLN A 107 -7.31 2.70 -8.10
CA GLN A 107 -6.38 3.70 -8.57
C GLN A 107 -6.60 4.11 -10.04
N ALA A 108 -7.39 3.36 -10.78
CA ALA A 108 -7.71 3.72 -12.17
C ALA A 108 -8.95 4.62 -12.25
N CYS A 109 -9.78 4.59 -11.21
CA CYS A 109 -10.99 5.42 -11.18
C CYS A 109 -10.67 6.91 -11.23
N SER A 110 -11.59 7.70 -11.77
CA SER A 110 -11.48 9.15 -11.80
C SER A 110 -11.75 9.80 -10.43
N CYS A 111 -12.43 9.08 -9.55
CA CYS A 111 -12.88 9.68 -8.28
C CYS A 111 -11.74 9.92 -7.30
N TRP A 112 -12.02 10.65 -6.22
CA TRP A 112 -11.03 10.92 -5.20
C TRP A 112 -10.95 9.79 -4.17
N ARG A 113 -9.87 9.78 -3.39
CA ARG A 113 -9.62 8.73 -2.41
C ARG A 113 -10.68 8.68 -1.30
N ASN A 114 -11.44 9.76 -1.16
CA ASN A 114 -12.47 9.88 -0.12
C ASN A 114 -13.88 9.59 -0.61
N CYS A 115 -14.02 8.99 -1.81
CA CYS A 115 -15.33 8.66 -2.36
C CYS A 115 -16.01 7.62 -1.46
N LYS A 116 -17.28 7.35 -1.72
CA LYS A 116 -18.10 6.52 -0.82
C LYS A 116 -17.91 5.02 -1.01
N ASN A 117 -17.08 4.64 -1.96
CA ASN A 117 -16.94 3.24 -2.31
C ASN A 117 -15.53 2.73 -2.02
N ARG A 118 -15.03 3.01 -0.82
CA ARG A 118 -13.66 2.64 -0.47
C ARG A 118 -13.53 2.24 1.00
N VAL A 119 -14.55 1.56 1.52
CA VAL A 119 -14.59 1.22 2.93
C VAL A 119 -13.48 0.26 3.37
N VAL A 120 -13.38 -0.90 2.73
CA VAL A 120 -12.46 -1.94 3.19
C VAL A 120 -11.01 -1.49 3.01
N GLN A 121 -10.73 -0.81 1.90
CA GLN A 121 -9.37 -0.39 1.63
C GLN A 121 -8.84 0.65 2.62
N SER A 122 -9.74 1.27 3.37
CA SER A 122 -9.36 2.27 4.35
C SER A 122 -8.97 1.66 5.70
N GLY A 123 -9.19 0.36 5.86
CA GLY A 123 -8.72 -0.36 7.05
C GLY A 123 -9.57 -0.32 8.31
N ILE A 124 -9.01 -0.83 9.41
CA ILE A 124 -9.75 -0.95 10.66
C ILE A 124 -10.08 0.42 11.28
N LYS A 125 -11.33 0.59 11.70
CA LYS A 125 -11.72 1.82 12.38
C LYS A 125 -12.20 1.59 13.83
N VAL A 126 -12.71 0.40 14.11
CA VAL A 126 -13.31 0.16 15.41
C VAL A 126 -12.29 -0.32 16.43
N ARG A 127 -12.62 -0.19 17.71
CA ARG A 127 -11.71 -0.59 18.77
C ARG A 127 -12.00 -2.03 19.13
N LEU A 128 -10.98 -2.87 18.95
CA LEU A 128 -11.10 -4.30 19.18
C LEU A 128 -10.10 -4.72 20.24
N GLN A 129 -10.29 -5.92 20.77
CA GLN A 129 -9.38 -6.44 21.77
C GLN A 129 -9.20 -7.94 21.64
N LEU A 130 -7.95 -8.38 21.65
CA LEU A 130 -7.64 -9.80 21.73
C LEU A 130 -7.75 -10.17 23.19
N TYR A 131 -8.54 -11.19 23.51
CA TYR A 131 -8.70 -11.58 24.90
C TYR A 131 -8.78 -13.09 25.06
N ARG A 132 -8.59 -13.56 26.29
CA ARG A 132 -8.68 -14.98 26.52
C ARG A 132 -10.12 -15.36 26.85
N THR A 133 -10.66 -16.31 26.11
CA THR A 133 -12.02 -16.77 26.35
C THR A 133 -11.99 -17.86 27.40
N ALA A 134 -13.19 -18.25 27.83
CA ALA A 134 -13.32 -19.29 28.84
C ALA A 134 -13.08 -20.67 28.23
N LYS A 135 -13.52 -20.90 27.01
CA LYS A 135 -13.49 -22.25 26.47
C LYS A 135 -12.99 -22.43 25.03
N MET A 136 -12.69 -21.34 24.34
CA MET A 136 -12.26 -21.45 22.94
C MET A 136 -10.87 -20.86 22.70
N GLY A 137 -10.06 -20.77 23.74
CA GLY A 137 -8.73 -20.18 23.62
C GLY A 137 -8.82 -18.67 23.47
N TRP A 138 -8.03 -18.10 22.58
CA TRP A 138 -8.08 -16.66 22.34
C TRP A 138 -9.26 -16.34 21.46
N GLY A 139 -9.77 -15.11 21.60
CA GLY A 139 -10.87 -14.64 20.77
C GLY A 139 -10.75 -13.14 20.60
N VAL A 140 -11.72 -12.56 19.89
CA VAL A 140 -11.68 -11.13 19.66
C VAL A 140 -13.01 -10.54 20.09
N ARG A 141 -12.97 -9.44 20.84
CA ARG A 141 -14.19 -8.74 21.22
C ARG A 141 -14.12 -7.24 20.97
N ALA A 142 -15.29 -6.61 20.90
CA ALA A 142 -15.39 -5.18 20.68
C ALA A 142 -15.20 -4.38 21.97
N LEU A 143 -14.49 -3.27 21.85
CA LEU A 143 -14.30 -2.32 22.94
C LEU A 143 -15.24 -1.12 22.78
N GLN A 144 -16.25 -1.26 21.91
CA GLN A 144 -17.19 -0.20 21.63
C GLN A 144 -18.48 -0.77 21.06
N THR A 145 -19.50 0.07 20.99
CA THR A 145 -20.69 -0.26 20.22
C THR A 145 -20.34 -0.30 18.74
N ILE A 146 -20.82 -1.32 18.04
CA ILE A 146 -20.61 -1.46 16.61
C ILE A 146 -21.94 -1.71 15.91
N PRO A 147 -22.47 -0.68 15.24
CA PRO A 147 -23.76 -0.82 14.54
C PRO A 147 -23.70 -1.87 13.44
N GLN A 148 -24.85 -2.46 13.13
CA GLN A 148 -24.95 -3.41 12.03
C GLN A 148 -24.40 -2.81 10.72
N GLY A 149 -23.66 -3.60 9.95
CA GLY A 149 -23.15 -3.17 8.65
C GLY A 149 -21.76 -2.53 8.67
N THR A 150 -21.15 -2.46 9.85
CA THR A 150 -19.85 -1.82 10.01
C THR A 150 -18.71 -2.75 9.59
N PHE A 151 -17.77 -2.24 8.79
CA PHE A 151 -16.54 -2.96 8.51
C PHE A 151 -15.76 -3.17 9.81
N ILE A 152 -15.34 -4.41 10.05
CA ILE A 152 -14.55 -4.78 11.24
C ILE A 152 -13.07 -4.92 10.92
N CYS A 153 -12.74 -5.90 10.07
CA CYS A 153 -11.36 -6.21 9.78
C CYS A 153 -11.32 -7.18 8.61
N GLU A 154 -10.13 -7.37 8.05
CA GLU A 154 -9.96 -8.28 6.92
C GLU A 154 -9.30 -9.59 7.39
N TYR A 155 -9.72 -10.74 6.83
CA TYR A 155 -9.04 -12.00 7.10
C TYR A 155 -7.75 -12.03 6.31
N VAL A 156 -6.63 -11.85 7.01
CA VAL A 156 -5.35 -11.64 6.36
C VAL A 156 -4.36 -12.75 6.68
N GLY A 157 -3.60 -13.18 5.67
CA GLY A 157 -2.56 -14.14 5.94
C GLY A 157 -1.77 -14.53 4.70
N GLU A 158 -1.36 -15.79 4.69
CA GLU A 158 -0.53 -16.38 3.64
C GLU A 158 -1.37 -16.94 2.50
N LEU A 159 -1.18 -16.41 1.30
CA LEU A 159 -1.87 -16.89 0.11
C LEU A 159 -1.19 -18.17 -0.38
N ILE A 160 -1.95 -19.25 -0.44
CA ILE A 160 -1.44 -20.55 -0.89
C ILE A 160 -2.43 -21.24 -1.84
N SER A 161 -1.93 -22.21 -2.61
CA SER A 161 -2.81 -22.94 -3.51
C SER A 161 -3.73 -23.90 -2.76
N ASP A 162 -4.81 -24.30 -3.43
CA ASP A 162 -5.68 -25.37 -2.93
C ASP A 162 -4.86 -26.63 -2.56
N ALA A 163 -3.93 -26.98 -3.43
CA ALA A 163 -3.08 -28.16 -3.25
C ALA A 163 -2.20 -28.05 -2.01
N GLU A 164 -1.68 -26.85 -1.78
CA GLU A 164 -0.79 -26.58 -0.65
C GLU A 164 -1.55 -26.57 0.66
N ALA A 165 -2.73 -25.95 0.64
CA ALA A 165 -3.59 -25.94 1.82
C ALA A 165 -3.88 -27.36 2.26
N ASP A 166 -3.98 -28.28 1.32
CA ASP A 166 -4.52 -29.57 1.73
C ASP A 166 -3.43 -30.50 2.27
N VAL A 167 -2.17 -30.04 2.30
CA VAL A 167 -1.12 -30.78 2.96
C VAL A 167 -0.60 -30.01 4.16
N ARG A 168 -1.29 -28.92 4.50
CA ARG A 168 -0.94 -28.16 5.69
C ARG A 168 -1.29 -28.94 6.94
N GLU A 169 -0.30 -29.12 7.82
CA GLU A 169 -0.49 -29.91 9.04
C GLU A 169 -1.47 -29.24 10.02
N ASP A 170 -1.40 -27.92 10.11
CA ASP A 170 -2.31 -27.16 10.96
C ASP A 170 -3.39 -26.55 10.07
N ASP A 171 -4.60 -27.06 10.20
CA ASP A 171 -5.71 -26.60 9.38
C ASP A 171 -6.77 -25.89 10.22
N SER A 172 -6.30 -25.07 11.17
CA SER A 172 -7.19 -24.30 12.02
C SER A 172 -7.39 -22.86 11.52
N TYR A 173 -6.61 -22.43 10.53
CA TYR A 173 -6.63 -21.03 10.07
C TYR A 173 -6.71 -20.87 8.54
N LEU A 174 -7.33 -21.83 7.88
CA LEU A 174 -7.43 -21.84 6.43
C LEU A 174 -8.75 -21.29 5.93
N PHE A 175 -8.70 -20.29 5.07
CA PHE A 175 -9.90 -19.68 4.54
C PHE A 175 -9.87 -19.84 3.02
N ASP A 176 -10.84 -20.57 2.48
CA ASP A 176 -10.99 -20.77 1.04
C ASP A 176 -11.53 -19.50 0.38
N LEU A 177 -10.88 -19.07 -0.70
CA LEU A 177 -11.29 -17.82 -1.35
C LEU A 177 -12.44 -17.99 -2.34
N ASP A 178 -12.66 -19.21 -2.82
N ASP A 178 -12.64 -19.23 -2.78
CA ASP A 178 -13.83 -19.50 -3.65
CA ASP A 178 -13.71 -19.57 -3.71
C ASP A 178 -14.28 -20.95 -3.43
C ASP A 178 -14.15 -21.03 -3.48
N GLU A 183 -8.55 -25.71 -7.88
CA GLU A 183 -9.05 -24.68 -8.78
C GLU A 183 -9.13 -23.32 -8.06
N VAL A 184 -9.05 -23.36 -6.73
CA VAL A 184 -9.18 -22.17 -5.92
C VAL A 184 -7.94 -21.92 -5.07
N TYR A 185 -7.89 -20.77 -4.43
CA TYR A 185 -6.77 -20.44 -3.57
C TYR A 185 -7.26 -20.24 -2.13
N CYS A 186 -6.32 -20.13 -1.19
N CYS A 186 -6.32 -20.18 -1.19
CA CYS A 186 -6.64 -20.19 0.22
CA CYS A 186 -6.66 -20.12 0.22
C CYS A 186 -5.77 -19.24 1.04
C CYS A 186 -5.85 -19.07 0.94
N ILE A 187 -6.34 -18.65 2.10
CA ILE A 187 -5.56 -17.83 2.99
C ILE A 187 -5.28 -18.67 4.21
N ASP A 188 -3.99 -18.89 4.51
CA ASP A 188 -3.58 -19.59 5.73
C ASP A 188 -3.04 -18.55 6.69
N ALA A 189 -3.74 -18.34 7.79
CA ALA A 189 -3.30 -17.34 8.74
C ALA A 189 -2.51 -17.97 9.90
N ARG A 190 -2.10 -19.22 9.75
CA ARG A 190 -1.40 -19.92 10.84
C ARG A 190 -0.06 -19.29 11.19
N TYR A 191 0.78 -19.10 10.17
CA TYR A 191 2.15 -18.64 10.39
C TYR A 191 2.26 -17.13 10.23
N TYR A 192 1.43 -16.60 9.34
CA TYR A 192 1.32 -15.17 9.06
C TYR A 192 -0.14 -14.77 9.10
N GLY A 193 -0.51 -13.76 9.89
CA GLY A 193 -1.90 -13.41 10.03
C GLY A 193 -2.13 -12.11 10.76
N ASN A 194 -3.34 -11.56 10.67
CA ASN A 194 -3.70 -10.38 11.46
C ASN A 194 -4.67 -10.75 12.58
N ILE A 195 -5.34 -9.75 13.16
CA ILE A 195 -6.25 -9.97 14.29
C ILE A 195 -7.38 -10.96 13.96
N SER A 196 -7.71 -11.11 12.68
N SER A 196 -7.72 -11.09 12.69
CA SER A 196 -8.81 -11.99 12.27
CA SER A 196 -8.79 -11.98 12.25
C SER A 196 -8.53 -13.48 12.51
C SER A 196 -8.52 -13.46 12.55
N ARG A 197 -7.25 -13.84 12.62
CA ARG A 197 -6.88 -15.23 12.87
C ARG A 197 -7.39 -15.66 14.24
N PHE A 198 -7.78 -14.69 15.05
CA PHE A 198 -8.17 -14.96 16.43
C PHE A 198 -9.68 -14.96 16.62
N ILE A 199 -10.42 -14.64 15.55
CA ILE A 199 -11.88 -14.68 15.64
C ILE A 199 -12.43 -16.12 15.63
N ASN A 200 -13.24 -16.43 16.64
CA ASN A 200 -13.77 -17.77 16.80
C ASN A 200 -15.06 -18.03 16.03
N HIS A 201 -15.41 -19.31 15.92
CA HIS A 201 -16.67 -19.72 15.32
C HIS A 201 -17.83 -19.55 16.29
N LEU A 202 -18.89 -18.93 15.81
CA LEU A 202 -20.15 -18.87 16.55
C LEU A 202 -21.29 -19.39 15.69
N CYS A 203 -22.13 -20.25 16.29
CA CYS A 203 -23.30 -20.77 15.60
C CYS A 203 -24.40 -19.72 15.54
N ASP A 204 -24.28 -18.69 16.37
CA ASP A 204 -25.14 -17.52 16.29
C ASP A 204 -24.25 -16.30 16.05
N PRO A 205 -23.72 -16.18 14.82
CA PRO A 205 -22.67 -15.21 14.48
C PRO A 205 -23.15 -13.76 14.51
N ASN A 206 -22.23 -12.82 14.76
CA ASN A 206 -22.56 -11.41 14.66
C ASN A 206 -21.73 -10.69 13.58
N ILE A 207 -20.89 -11.43 12.86
CA ILE A 207 -20.19 -10.87 11.70
C ILE A 207 -20.23 -11.82 10.51
N ILE A 208 -20.12 -11.28 9.30
CA ILE A 208 -20.09 -12.11 8.09
C ILE A 208 -18.90 -11.75 7.20
N PRO A 209 -18.27 -12.77 6.59
CA PRO A 209 -17.19 -12.50 5.63
C PRO A 209 -17.76 -12.16 4.27
N VAL A 210 -17.15 -11.18 3.61
CA VAL A 210 -17.54 -10.77 2.27
C VAL A 210 -16.31 -10.69 1.35
N ARG A 211 -16.44 -11.20 0.13
CA ARG A 211 -15.36 -11.09 -0.84
C ARG A 211 -15.34 -9.70 -1.47
N VAL A 212 -14.18 -9.07 -1.45
CA VAL A 212 -14.03 -7.71 -1.93
C VAL A 212 -12.82 -7.60 -2.86
N PHE A 213 -12.96 -6.72 -3.85
CA PHE A 213 -11.85 -6.38 -4.73
C PHE A 213 -11.52 -4.90 -4.59
N MET A 214 -10.24 -4.59 -4.53
CA MET A 214 -9.81 -3.21 -4.38
C MET A 214 -8.75 -2.82 -5.41
N LEU A 215 -7.47 -3.03 -5.09
CA LEU A 215 -6.38 -2.51 -5.93
C LEU A 215 -6.09 -3.40 -7.14
N HIS A 216 -6.71 -4.58 -7.15
CA HIS A 216 -6.63 -5.50 -8.27
C HIS A 216 -7.98 -6.17 -8.40
N GLN A 217 -8.22 -6.78 -9.55
CA GLN A 217 -9.47 -7.48 -9.83
C GLN A 217 -9.18 -8.87 -10.38
N ASP A 218 -8.11 -9.48 -9.87
CA ASP A 218 -7.76 -10.86 -10.18
C ASP A 218 -8.72 -11.77 -9.40
N LEU A 219 -9.66 -12.38 -10.09
CA LEU A 219 -10.78 -13.09 -9.45
C LEU A 219 -10.38 -14.34 -8.66
N ARG A 220 -9.13 -14.75 -8.80
CA ARG A 220 -8.58 -15.83 -7.98
C ARG A 220 -8.35 -15.35 -6.55
N PHE A 221 -8.26 -14.05 -6.38
CA PHE A 221 -7.87 -13.50 -5.08
C PHE A 221 -8.78 -12.42 -4.53
N PRO A 222 -10.05 -12.76 -4.28
CA PRO A 222 -10.86 -11.85 -3.46
C PRO A 222 -10.19 -11.67 -2.11
N ARG A 223 -10.45 -10.53 -1.47
CA ARG A 223 -9.99 -10.30 -0.12
C ARG A 223 -11.20 -10.45 0.77
N ILE A 224 -10.98 -10.96 1.97
CA ILE A 224 -12.09 -11.34 2.82
C ILE A 224 -12.32 -10.28 3.88
N ALA A 225 -13.50 -9.67 3.82
CA ALA A 225 -13.84 -8.56 4.71
C ALA A 225 -14.97 -8.94 5.66
N PHE A 226 -14.76 -8.71 6.96
CA PHE A 226 -15.80 -8.98 7.95
C PHE A 226 -16.60 -7.72 8.24
N PHE A 227 -17.92 -7.82 8.10
CA PHE A 227 -18.85 -6.77 8.52
C PHE A 227 -19.77 -7.29 9.63
N SER A 228 -20.13 -6.43 10.57
CA SER A 228 -21.14 -6.81 11.58
C SER A 228 -22.48 -7.13 10.90
N SER A 229 -23.11 -8.24 11.31
CA SER A 229 -24.38 -8.64 10.72
C SER A 229 -25.55 -8.12 11.57
N ARG A 230 -25.23 -7.57 12.74
CA ARG A 230 -26.21 -6.91 13.59
C ARG A 230 -25.49 -5.93 14.50
N ASP A 231 -26.23 -5.19 15.32
CA ASP A 231 -25.60 -4.28 16.27
C ASP A 231 -24.83 -5.11 17.29
N ILE A 232 -23.63 -4.66 17.65
CA ILE A 232 -22.79 -5.39 18.60
C ILE A 232 -22.51 -4.52 19.82
N ARG A 233 -22.74 -5.09 21.00
CA ARG A 233 -22.49 -4.42 22.29
C ARG A 233 -21.01 -4.38 22.63
N THR A 234 -20.60 -3.34 23.34
CA THR A 234 -19.26 -3.31 23.93
C THR A 234 -19.02 -4.59 24.74
N GLY A 235 -17.90 -5.25 24.48
CA GLY A 235 -17.50 -6.43 25.24
C GLY A 235 -17.95 -7.76 24.66
N GLU A 236 -18.81 -7.71 23.65
CA GLU A 236 -19.28 -8.93 23.01
C GLU A 236 -18.20 -9.56 22.14
N GLU A 237 -18.04 -10.88 22.25
CA GLU A 237 -17.12 -11.57 21.35
C GLU A 237 -17.61 -11.47 19.91
N LEU A 238 -16.68 -11.23 18.98
CA LEU A 238 -16.98 -11.33 17.56
C LEU A 238 -16.83 -12.77 17.10
N GLY A 239 -17.69 -13.19 16.18
CA GLY A 239 -17.56 -14.51 15.59
C GLY A 239 -18.39 -14.68 14.33
N PHE A 240 -17.92 -15.54 13.43
CA PHE A 240 -18.69 -15.86 12.25
C PHE A 240 -18.90 -17.36 12.18
N ASP A 241 -19.80 -17.77 11.31
CA ASP A 241 -20.03 -19.19 11.06
C ASP A 241 -18.94 -19.67 10.11
N TYR A 242 -18.00 -20.46 10.63
CA TYR A 242 -16.90 -20.98 9.82
C TYR A 242 -17.39 -21.81 8.64
N GLY A 243 -18.54 -22.47 8.80
CA GLY A 243 -19.11 -23.30 7.74
C GLY A 243 -18.73 -24.77 7.78
N ASP A 244 -19.48 -25.57 7.02
CA ASP A 244 -19.34 -27.04 7.05
C ASP A 244 -18.02 -27.54 6.46
N ARG A 245 -17.41 -26.77 5.55
CA ARG A 245 -16.13 -27.17 4.98
C ARG A 245 -15.03 -27.14 6.04
N PHE A 246 -15.35 -26.55 7.18
CA PHE A 246 -14.46 -26.54 8.34
C PHE A 246 -14.86 -27.66 9.30
N TRP A 247 -16.12 -27.64 9.73
CA TRP A 247 -16.57 -28.55 10.79
C TRP A 247 -16.71 -30.01 10.37
N ASP A 248 -16.95 -30.28 9.09
CA ASP A 248 -17.03 -31.66 8.61
C ASP A 248 -15.74 -32.39 8.98
N ILE A 249 -14.62 -31.70 8.80
CA ILE A 249 -13.32 -32.27 9.12
C ILE A 249 -12.99 -32.12 10.60
N LYS A 250 -13.21 -30.93 11.13
CA LYS A 250 -12.71 -30.59 12.46
C LYS A 250 -13.49 -31.22 13.61
N SER A 251 -14.77 -31.50 13.39
CA SER A 251 -15.62 -32.03 14.46
C SER A 251 -15.13 -33.40 14.93
N LYS A 252 -14.35 -34.08 14.11
CA LYS A 252 -13.81 -35.37 14.50
C LYS A 252 -12.60 -35.22 15.43
N TYR A 253 -12.25 -33.97 15.74
CA TYR A 253 -11.15 -33.71 16.66
C TYR A 253 -11.60 -32.89 17.87
N PHE A 254 -12.58 -32.02 17.67
CA PHE A 254 -13.18 -31.27 18.77
C PHE A 254 -14.59 -30.80 18.41
N THR A 255 -15.31 -30.35 19.42
CA THR A 255 -16.71 -29.95 19.25
C THR A 255 -16.88 -28.47 19.56
N CYS A 256 -18.03 -27.92 19.20
CA CYS A 256 -18.26 -26.49 19.32
C CYS A 256 -18.63 -26.06 20.75
N GLN A 257 -17.94 -25.05 21.25
CA GLN A 257 -18.20 -24.53 22.59
C GLN A 257 -18.93 -23.19 22.58
N CYS A 258 -19.62 -22.84 21.50
CA CYS A 258 -20.21 -21.50 21.42
C CYS A 258 -21.34 -21.33 22.44
N GLY A 259 -21.92 -22.44 22.86
CA GLY A 259 -22.86 -22.43 23.97
C GLY A 259 -24.25 -21.96 23.58
N SER A 260 -24.45 -21.71 22.30
CA SER A 260 -25.75 -21.25 21.83
C SER A 260 -26.77 -22.36 21.85
N GLU A 261 -28.03 -21.99 22.07
CA GLU A 261 -29.10 -22.99 22.08
C GLU A 261 -29.34 -23.52 20.68
N LYS A 262 -28.83 -22.79 19.69
CA LYS A 262 -28.95 -23.18 18.28
C LYS A 262 -27.68 -23.83 17.75
N CYS A 263 -26.80 -24.24 18.66
CA CYS A 263 -25.49 -24.75 18.28
C CYS A 263 -25.60 -26.01 17.44
N LYS A 264 -24.86 -26.04 16.33
CA LYS A 264 -25.00 -27.09 15.34
C LYS A 264 -23.86 -28.10 15.43
N HIS A 265 -22.86 -27.81 16.26
CA HIS A 265 -21.65 -28.62 16.24
C HIS A 265 -21.16 -28.99 17.63
N SER A 266 -22.05 -28.94 18.62
CA SER A 266 -21.69 -29.33 19.98
C SER A 266 -21.47 -30.83 20.08
N ALA A 267 -20.86 -31.26 21.18
CA ALA A 267 -20.74 -32.68 21.46
C ALA A 267 -22.13 -33.32 21.42
N GLU A 268 -23.08 -32.64 22.05
CA GLU A 268 -24.47 -33.08 22.13
C GLU A 268 -25.15 -33.16 20.77
N ALA A 269 -25.17 -32.04 20.03
CA ALA A 269 -25.85 -31.98 18.73
C ALA A 269 -25.35 -33.05 17.76
N ILE A 270 -24.04 -33.28 17.76
CA ILE A 270 -23.47 -34.36 16.96
C ILE A 270 -24.02 -35.71 17.41
N ALA A 271 -24.17 -35.89 18.72
CA ALA A 271 -24.72 -37.14 19.25
C ALA A 271 -26.21 -37.25 18.97
N LEU A 272 -26.93 -36.14 19.12
CA LEU A 272 -28.37 -36.13 18.87
C LEU A 272 -28.71 -36.37 17.41
N THR B 3 -14.92 -32.69 -1.38
CA THR B 3 -14.36 -33.07 -0.09
C THR B 3 -12.83 -32.95 -0.10
N LYS B 4 -12.30 -32.19 0.84
CA LYS B 4 -10.87 -31.95 0.93
C LYS B 4 -10.26 -32.65 2.13
N GLN B 5 -8.94 -32.65 2.24
CA GLN B 5 -8.25 -33.33 3.35
C GLN B 5 -8.13 -32.41 4.56
N THR B 6 -8.13 -31.09 4.33
CA THR B 6 -7.95 -30.13 5.44
C THR B 6 -9.16 -29.24 5.64
N ALA B 7 -9.35 -28.77 6.87
CA ALA B 7 -10.47 -27.90 7.22
C ALA B 7 -10.34 -26.53 6.56
N ARG B 8 -11.43 -26.05 5.95
CA ARG B 8 -11.43 -24.74 5.30
C ARG B 8 -12.61 -23.89 5.79
N SER B 10 -15.12 -20.75 5.13
CA SER B 10 -15.66 -20.33 3.83
C SER B 10 -16.77 -19.26 3.91
N THR B 11 -16.96 -18.51 2.81
CA THR B 11 -18.04 -17.53 2.70
C THR B 11 -19.34 -18.17 2.22
N GLY B 12 -20.47 -17.65 2.67
N ILE C 4 -0.39 41.99 -15.43
CA ILE C 4 -1.74 42.08 -14.89
C ILE C 4 -2.29 40.68 -14.57
N ARG C 5 -1.55 39.66 -15.01
CA ARG C 5 -1.92 38.28 -14.76
C ARG C 5 -1.87 37.98 -13.26
N THR C 6 -3.00 37.60 -12.69
CA THR C 6 -3.03 37.17 -11.28
C THR C 6 -2.80 35.66 -11.17
N GLU C 7 -2.35 35.23 -9.99
CA GLU C 7 -2.11 33.81 -9.76
C GLU C 7 -3.43 33.12 -9.43
N LYS C 8 -3.78 32.12 -10.22
CA LYS C 8 -5.02 31.39 -9.99
C LYS C 8 -4.75 30.00 -9.44
N ILE C 9 -5.56 29.59 -8.46
CA ILE C 9 -5.54 28.23 -7.95
C ILE C 9 -6.49 27.41 -8.81
N ILE C 10 -5.95 26.53 -9.62
CA ILE C 10 -6.73 25.81 -10.62
C ILE C 10 -7.17 24.44 -10.10
N CYS C 11 -6.41 23.91 -9.15
CA CYS C 11 -6.75 22.62 -8.56
C CYS C 11 -6.32 22.60 -7.09
N ARG C 12 -7.25 22.22 -6.21
CA ARG C 12 -6.94 22.12 -4.79
C ARG C 12 -5.95 20.98 -4.49
N ASP C 13 -6.05 19.88 -5.24
CA ASP C 13 -5.18 18.72 -5.01
C ASP C 13 -5.05 17.85 -6.25
N VAL C 14 -3.90 17.91 -6.91
CA VAL C 14 -3.70 17.09 -8.11
C VAL C 14 -3.66 15.60 -7.77
N ALA C 15 -3.45 15.25 -6.50
CA ALA C 15 -3.36 13.83 -6.11
C ALA C 15 -4.70 13.24 -5.70
N ARG C 16 -5.75 14.06 -5.77
CA ARG C 16 -7.13 13.64 -5.52
C ARG C 16 -7.22 12.94 -4.16
N GLY C 17 -6.48 13.43 -3.20
CA GLY C 17 -6.56 12.90 -1.83
C GLY C 17 -5.77 11.64 -1.55
N TYR C 18 -4.95 11.20 -2.51
CA TYR C 18 -4.20 9.94 -2.33
C TYR C 18 -2.92 10.11 -1.50
N GLU C 19 -2.47 11.34 -1.32
CA GLU C 19 -1.24 11.58 -0.56
C GLU C 19 -1.59 12.00 0.88
N ASN C 20 -0.57 12.08 1.73
CA ASN C 20 -0.78 12.47 3.14
C ASN C 20 -1.23 13.93 3.23
N VAL C 21 -0.86 14.70 2.22
CA VAL C 21 -1.10 16.14 2.17
C VAL C 21 -1.61 16.52 0.78
N PRO C 22 -2.33 17.64 0.68
CA PRO C 22 -2.77 18.08 -0.66
C PRO C 22 -1.62 18.66 -1.47
N ILE C 23 -1.74 18.60 -2.80
CA ILE C 23 -0.74 19.19 -3.69
C ILE C 23 -1.50 20.02 -4.71
N PRO C 24 -1.75 21.30 -4.37
CA PRO C 24 -2.52 22.19 -5.23
C PRO C 24 -1.74 22.61 -6.46
N CYS C 25 -2.46 23.05 -7.47
CA CYS C 25 -1.85 23.54 -8.69
C CYS C 25 -2.27 24.99 -8.89
N VAL C 26 -1.29 25.84 -9.20
CA VAL C 26 -1.60 27.24 -9.47
C VAL C 26 -0.89 27.71 -10.75
N ASN C 27 -1.44 28.75 -11.37
CA ASN C 27 -0.84 29.32 -12.57
C ASN C 27 -0.96 30.84 -12.54
N GLY C 28 0.19 31.53 -12.52
CA GLY C 28 0.22 32.98 -12.59
C GLY C 28 0.99 33.45 -13.80
N VAL C 29 1.27 32.53 -14.72
CA VAL C 29 2.12 32.85 -15.86
C VAL C 29 1.35 32.94 -17.17
N ASP C 30 0.48 31.97 -17.43
CA ASP C 30 -0.29 32.00 -18.68
C ASP C 30 -1.69 31.42 -18.49
N GLY C 31 -2.36 31.11 -19.61
CA GLY C 31 -3.72 30.64 -19.56
C GLY C 31 -3.88 29.14 -19.52
N GLU C 32 -2.77 28.42 -19.37
CA GLU C 32 -2.79 26.96 -19.35
C GLU C 32 -3.43 26.39 -18.09
N PRO C 33 -4.49 25.58 -18.24
CA PRO C 33 -5.11 24.94 -17.08
C PRO C 33 -4.21 23.83 -16.54
N CYS C 34 -4.53 23.30 -15.37
CA CYS C 34 -3.69 22.27 -14.80
C CYS C 34 -3.74 21.02 -15.67
N PRO C 35 -2.61 20.33 -15.81
CA PRO C 35 -2.53 19.19 -16.73
C PRO C 35 -3.53 18.08 -16.40
N GLU C 36 -4.19 17.56 -17.43
CA GLU C 36 -5.02 16.39 -17.24
C GLU C 36 -4.79 15.36 -18.34
N ASP C 37 -3.63 15.43 -18.97
CA ASP C 37 -3.26 14.45 -20.00
C ASP C 37 -2.44 13.31 -19.41
N TYR C 38 -2.75 12.95 -18.17
CA TYR C 38 -2.07 11.87 -17.48
C TYR C 38 -2.95 11.40 -16.33
N LYS C 39 -2.62 10.24 -15.78
CA LYS C 39 -3.35 9.75 -14.63
C LYS C 39 -2.46 9.86 -13.39
N TYR C 40 -2.92 10.59 -12.36
CA TYR C 40 -2.17 10.65 -11.11
C TYR C 40 -2.30 9.35 -10.35
N ILE C 41 -1.15 8.78 -9.99
CA ILE C 41 -1.11 7.60 -9.15
C ILE C 41 -0.12 7.87 -8.03
N SER C 42 -0.39 7.35 -6.85
CA SER C 42 0.47 7.62 -5.71
C SER C 42 1.53 6.53 -5.48
N GLU C 43 1.35 5.37 -6.11
CA GLU C 43 2.39 4.35 -6.11
C GLU C 43 2.54 3.69 -7.48
N ASN C 44 3.71 3.13 -7.74
CA ASN C 44 4.03 2.60 -9.07
C ASN C 44 2.97 1.63 -9.57
N CYS C 45 2.71 1.65 -10.88
CA CYS C 45 1.74 0.72 -11.46
C CYS C 45 2.42 -0.19 -12.49
N GLU C 46 1.73 -1.26 -12.86
CA GLU C 46 2.22 -2.19 -13.87
C GLU C 46 1.25 -2.24 -15.04
N THR C 47 1.77 -2.24 -16.26
CA THR C 47 0.94 -2.40 -17.46
C THR C 47 1.32 -3.67 -18.22
N SER C 48 2.23 -4.44 -17.65
CA SER C 48 2.53 -5.79 -18.14
C SER C 48 3.24 -6.55 -17.01
N THR C 49 3.34 -7.86 -17.15
CA THR C 49 3.88 -8.69 -16.08
C THR C 49 5.35 -8.35 -15.77
N MET C 50 5.61 -7.97 -14.52
CA MET C 50 6.96 -7.66 -14.07
C MET C 50 7.58 -8.81 -13.26
N ASN C 51 6.75 -9.71 -12.76
CA ASN C 51 7.16 -10.82 -11.89
C ASN C 51 8.13 -10.39 -10.79
N ILE C 52 7.78 -9.30 -10.12
CA ILE C 52 8.55 -8.84 -8.98
C ILE C 52 8.53 -9.89 -7.88
N ASP C 53 9.69 -10.14 -7.27
CA ASP C 53 9.78 -11.12 -6.20
C ASP C 53 9.20 -10.53 -4.91
N ARG C 54 7.97 -10.92 -4.57
CA ARG C 54 7.29 -10.46 -3.36
C ARG C 54 7.24 -11.53 -2.26
N ASN C 55 7.94 -12.64 -2.46
CA ASN C 55 7.96 -13.73 -1.47
C ASN C 55 8.48 -13.23 -0.13
N ILE C 56 7.61 -13.22 0.88
CA ILE C 56 7.98 -12.63 2.17
C ILE C 56 9.16 -13.38 2.80
N THR C 57 9.34 -14.65 2.45
CA THR C 57 10.43 -15.43 3.04
C THR C 57 11.78 -15.09 2.40
N HIS C 58 11.75 -14.32 1.31
CA HIS C 58 12.99 -13.89 0.66
C HIS C 58 13.53 -12.61 1.27
N LEU C 59 12.75 -11.98 2.15
CA LEU C 59 13.16 -10.69 2.72
C LEU C 59 14.24 -10.83 3.77
N GLN C 60 15.34 -10.10 3.60
CA GLN C 60 16.24 -9.90 4.72
C GLN C 60 15.56 -8.94 5.69
N HIS C 61 15.67 -9.22 6.97
CA HIS C 61 14.95 -8.45 7.97
C HIS C 61 15.70 -8.45 9.28
N CYS C 62 15.32 -7.55 10.17
CA CYS C 62 16.00 -7.44 11.46
C CYS C 62 15.22 -8.14 12.56
N THR C 63 15.92 -8.41 13.66
CA THR C 63 15.33 -9.08 14.81
C THR C 63 15.29 -8.10 15.98
N CYS C 64 15.37 -6.82 15.65
CA CYS C 64 15.41 -5.75 16.65
C CYS C 64 14.18 -5.73 17.55
N VAL C 65 14.43 -5.65 18.85
CA VAL C 65 13.35 -5.48 19.82
C VAL C 65 13.29 -4.05 20.35
N ASP C 66 13.95 -3.14 19.65
CA ASP C 66 13.92 -1.72 19.97
C ASP C 66 13.34 -0.93 18.79
N ASP C 67 13.81 0.30 18.60
CA ASP C 67 13.29 1.14 17.51
C ASP C 67 14.23 1.16 16.30
N CYS C 68 15.17 0.21 16.29
CA CYS C 68 16.13 0.02 15.20
C CYS C 68 17.12 1.17 15.05
N SER C 69 17.56 1.74 16.17
CA SER C 69 18.53 2.82 16.12
C SER C 69 19.92 2.36 16.57
N SER C 70 20.05 1.07 16.84
CA SER C 70 21.35 0.52 17.24
C SER C 70 22.10 -0.03 16.03
N SER C 71 23.40 -0.22 16.19
CA SER C 71 24.26 -0.76 15.14
C SER C 71 23.96 -2.22 14.83
N ASN C 72 23.01 -2.80 15.56
CA ASN C 72 22.69 -4.22 15.44
C ASN C 72 21.54 -4.54 14.51
N CYS C 73 20.95 -3.51 13.92
CA CYS C 73 19.86 -3.69 12.98
C CYS C 73 20.39 -4.23 11.65
N LEU C 74 19.96 -5.42 11.25
CA LEU C 74 20.43 -6.00 9.99
C LEU C 74 20.11 -5.06 8.84
N CYS C 75 18.90 -4.49 8.89
CA CYS C 75 18.42 -3.65 7.81
C CYS C 75 19.28 -2.40 7.61
N GLY C 76 19.77 -1.84 8.71
CA GLY C 76 20.71 -0.74 8.64
C GLY C 76 22.04 -1.23 8.08
N GLN C 77 22.45 -2.43 8.50
CA GLN C 77 23.72 -3.00 8.06
C GLN C 77 23.74 -3.22 6.57
N LEU C 78 22.61 -3.61 6.00
CA LEU C 78 22.50 -3.79 4.57
C LEU C 78 22.80 -2.48 3.85
N SER C 79 22.48 -1.37 4.52
CA SER C 79 22.69 -0.03 3.98
C SER C 79 24.03 0.53 4.46
N ILE C 80 24.97 -0.36 4.77
CA ILE C 80 26.21 -0.07 5.50
C ILE C 80 25.91 0.35 6.94
N ARG C 81 25.09 1.39 7.10
CA ARG C 81 24.49 1.78 8.38
C ARG C 81 23.12 2.39 8.06
N CYS C 82 22.30 2.63 9.08
CA CYS C 82 21.09 3.43 8.86
C CYS C 82 21.51 4.89 8.70
N TRP C 83 20.96 5.57 7.71
CA TRP C 83 21.40 6.92 7.42
C TRP C 83 20.39 7.95 7.88
N TYR C 84 19.33 7.48 8.53
CA TYR C 84 18.29 8.37 9.02
C TYR C 84 18.59 8.83 10.45
N ASP C 85 18.54 10.14 10.70
CA ASP C 85 18.64 10.61 12.08
C ASP C 85 17.32 10.37 12.79
N LYS C 86 17.23 10.87 14.03
CA LYS C 86 16.04 10.67 14.86
C LYS C 86 14.79 11.30 14.26
N ASP C 87 14.99 12.22 13.31
CA ASP C 87 13.88 12.94 12.68
C ASP C 87 13.63 12.48 11.25
N GLY C 88 14.25 11.38 10.85
CA GLY C 88 14.01 10.80 9.55
C GLY C 88 14.76 11.47 8.42
N ARG C 89 15.73 12.32 8.76
CA ARG C 89 16.55 12.97 7.74
C ARG C 89 17.88 12.26 7.52
N LEU C 90 18.32 12.27 6.27
CA LEU C 90 19.62 11.71 5.93
C LEU C 90 20.71 12.40 6.73
N LEU C 91 21.67 11.64 7.22
CA LEU C 91 22.82 12.21 7.90
C LEU C 91 23.55 13.13 6.92
N GLN C 92 24.21 14.16 7.45
CA GLN C 92 24.98 15.05 6.58
C GLN C 92 26.21 14.34 6.05
N GLU C 93 26.51 13.15 6.59
CA GLU C 93 27.61 12.32 6.11
C GLU C 93 27.18 11.48 4.91
N PHE C 94 25.90 11.50 4.60
CA PHE C 94 25.37 10.72 3.48
C PHE C 94 26.08 11.09 2.18
N ASN C 95 26.55 10.07 1.46
CA ASN C 95 27.21 10.28 0.18
C ASN C 95 26.22 10.76 -0.85
N LYS C 96 26.20 12.07 -1.11
CA LYS C 96 25.22 12.64 -2.03
C LYS C 96 25.64 12.51 -3.49
N ILE C 97 26.82 11.94 -3.74
CA ILE C 97 27.32 11.80 -5.10
C ILE C 97 27.18 10.36 -5.59
N GLU C 98 27.64 9.40 -4.79
CA GLU C 98 27.43 7.98 -5.07
C GLU C 98 26.66 7.33 -3.92
N PRO C 99 25.34 7.56 -3.86
CA PRO C 99 24.50 7.12 -2.73
C PRO C 99 24.41 5.60 -2.60
N PRO C 100 24.40 5.09 -1.36
CA PRO C 100 24.21 3.65 -1.17
C PRO C 100 22.75 3.28 -1.36
N LEU C 101 22.48 1.99 -1.57
CA LEU C 101 21.11 1.51 -1.59
C LEU C 101 20.59 1.56 -0.16
N ILE C 102 19.35 2.00 0.02
CA ILE C 102 18.74 1.99 1.34
C ILE C 102 17.73 0.85 1.49
N PHE C 103 17.91 0.06 2.55
CA PHE C 103 16.94 -0.97 2.92
C PHE C 103 16.17 -0.57 4.18
N GLU C 104 14.93 -0.15 4.00
CA GLU C 104 14.08 0.16 5.13
C GLU C 104 13.53 -1.13 5.75
N CYS C 105 13.04 -1.05 6.98
CA CYS C 105 12.41 -2.20 7.60
C CYS C 105 11.13 -2.56 6.86
N ASN C 106 10.74 -3.81 6.97
CA ASN C 106 9.67 -4.34 6.17
C ASN C 106 8.72 -5.18 7.02
N GLN C 107 7.76 -5.83 6.39
CA GLN C 107 6.74 -6.56 7.12
C GLN C 107 7.30 -7.81 7.82
N ALA C 108 8.51 -8.20 7.46
CA ALA C 108 9.12 -9.40 8.04
C ALA C 108 9.93 -9.09 9.31
N CYS C 109 10.31 -7.84 9.47
CA CYS C 109 11.06 -7.39 10.65
C CYS C 109 10.24 -7.55 11.93
N SER C 110 10.91 -7.78 13.07
CA SER C 110 10.22 -7.89 14.35
C SER C 110 9.85 -6.52 14.91
N CYS C 111 10.43 -5.47 14.37
CA CYS C 111 10.23 -4.12 14.91
C CYS C 111 8.83 -3.58 14.67
N TRP C 112 8.52 -2.42 15.23
CA TRP C 112 7.21 -1.80 15.05
C TRP C 112 7.17 -0.88 13.84
N ARG C 113 5.97 -0.51 13.39
CA ARG C 113 5.80 0.32 12.20
C ARG C 113 6.38 1.74 12.37
N ASN C 114 6.57 2.19 13.61
CA ASN C 114 7.06 3.55 13.89
C ASN C 114 8.57 3.56 14.13
N CYS C 115 9.17 2.41 13.89
CA CYS C 115 10.60 2.20 13.76
C CYS C 115 11.36 3.36 13.09
N LYS C 116 12.65 3.54 13.41
CA LYS C 116 13.47 4.64 12.87
C LYS C 116 13.91 4.46 11.41
N ASN C 117 13.64 3.29 10.86
CA ASN C 117 14.09 2.93 9.52
C ASN C 117 12.92 2.75 8.55
N ARG C 118 12.01 3.71 8.52
CA ARG C 118 10.80 3.58 7.72
C ARG C 118 10.33 4.92 7.12
N VAL C 119 11.27 5.73 6.63
CA VAL C 119 10.95 7.09 6.23
C VAL C 119 10.20 7.15 4.91
N VAL C 120 10.77 6.55 3.86
CA VAL C 120 10.17 6.64 2.53
C VAL C 120 8.80 5.97 2.49
N GLN C 121 8.66 4.84 3.17
CA GLN C 121 7.38 4.13 3.19
C GLN C 121 6.25 4.87 3.89
N SER C 122 6.58 5.92 4.65
CA SER C 122 5.55 6.71 5.33
C SER C 122 4.96 7.81 4.45
N GLY C 123 5.55 8.01 3.27
CA GLY C 123 4.99 8.91 2.26
C GLY C 123 5.33 10.38 2.38
N ILE C 124 4.64 11.21 1.60
CA ILE C 124 4.97 12.63 1.51
C ILE C 124 4.56 13.38 2.77
N LYS C 125 5.49 14.16 3.32
CA LYS C 125 5.19 14.98 4.50
C LYS C 125 5.32 16.47 4.23
N VAL C 126 6.20 16.85 3.32
CA VAL C 126 6.45 18.26 3.10
C VAL C 126 5.35 18.86 2.21
N ARG C 127 5.13 20.16 2.34
CA ARG C 127 4.11 20.87 1.58
C ARG C 127 4.67 21.35 0.26
N LEU C 128 4.09 20.87 -0.82
CA LEU C 128 4.58 21.16 -2.16
C LEU C 128 3.49 21.82 -2.99
N GLN C 129 3.89 22.45 -4.09
CA GLN C 129 2.93 23.05 -4.98
C GLN C 129 3.38 22.90 -6.42
N LEU C 130 2.43 22.49 -7.26
CA LEU C 130 2.63 22.43 -8.70
C LEU C 130 2.33 23.80 -9.23
N TYR C 131 3.24 24.38 -9.98
CA TYR C 131 3.02 25.74 -10.42
C TYR C 131 3.51 25.94 -11.84
N ARG C 132 3.14 27.06 -12.43
CA ARG C 132 3.53 27.30 -13.80
C ARG C 132 4.83 28.11 -13.83
N THR C 133 5.89 27.54 -14.38
CA THR C 133 7.18 28.21 -14.40
C THR C 133 7.22 29.22 -15.55
N ALA C 134 8.27 30.02 -15.60
CA ALA C 134 8.40 31.04 -16.63
C ALA C 134 8.79 30.40 -17.95
N LYS C 135 9.69 29.43 -17.88
CA LYS C 135 10.39 28.93 -19.07
C LYS C 135 10.36 27.41 -19.25
N MET C 136 9.89 26.69 -18.25
CA MET C 136 10.03 25.23 -18.27
C MET C 136 8.72 24.47 -18.13
N GLY C 137 7.63 25.09 -18.56
CA GLY C 137 6.33 24.46 -18.40
C GLY C 137 5.97 24.38 -16.94
N TRP C 138 5.42 23.25 -16.51
CA TRP C 138 5.06 23.08 -15.11
C TRP C 138 6.25 22.70 -14.26
N GLY C 139 6.20 23.06 -12.98
CA GLY C 139 7.26 22.75 -12.04
C GLY C 139 6.70 22.55 -10.64
N VAL C 140 7.56 22.15 -9.72
CA VAL C 140 7.18 21.89 -8.33
C VAL C 140 8.02 22.75 -7.41
N ARG C 141 7.38 23.46 -6.50
CA ARG C 141 8.15 24.25 -5.55
C ARG C 141 7.68 24.02 -4.11
N ALA C 142 8.55 24.37 -3.18
CA ALA C 142 8.27 24.17 -1.75
C ALA C 142 7.39 25.29 -1.21
N LEU C 143 6.43 24.93 -0.34
CA LEU C 143 5.59 25.91 0.33
C LEU C 143 6.07 26.17 1.74
N GLN C 144 7.24 25.64 2.06
CA GLN C 144 7.82 25.75 3.39
C GLN C 144 9.32 25.53 3.31
N THR C 145 10.01 25.83 4.41
CA THR C 145 11.43 25.52 4.52
C THR C 145 11.58 24.00 4.61
N ILE C 146 12.57 23.47 3.89
CA ILE C 146 12.85 22.05 3.87
C ILE C 146 14.33 21.79 4.18
N PRO C 147 14.61 21.34 5.41
CA PRO C 147 15.99 21.09 5.83
C PRO C 147 16.66 20.02 4.97
N GLN C 148 17.98 20.07 4.88
CA GLN C 148 18.77 19.06 4.17
C GLN C 148 18.45 17.66 4.68
N GLY C 149 18.44 16.67 3.77
CA GLY C 149 18.24 15.28 4.15
C GLY C 149 16.79 14.84 4.30
N THR C 150 15.87 15.75 4.02
CA THR C 150 14.45 15.48 4.18
C THR C 150 13.90 14.72 2.99
N PHE C 151 13.12 13.67 3.25
CA PHE C 151 12.44 12.96 2.18
C PHE C 151 11.36 13.86 1.58
N ILE C 152 11.33 13.95 0.25
CA ILE C 152 10.39 14.83 -0.42
C ILE C 152 9.23 14.06 -1.03
N CYS C 153 9.57 13.19 -1.97
CA CYS C 153 8.60 12.38 -2.69
C CYS C 153 9.32 11.31 -3.49
N GLU C 154 8.56 10.32 -3.95
CA GLU C 154 9.09 9.21 -4.73
C GLU C 154 8.82 9.43 -6.24
N TYR C 155 9.73 8.99 -7.10
CA TYR C 155 9.47 9.08 -8.53
C TYR C 155 8.56 7.92 -8.89
N VAL C 156 7.32 8.24 -9.20
CA VAL C 156 6.31 7.20 -9.34
C VAL C 156 5.75 7.21 -10.76
N GLY C 157 5.55 6.02 -11.32
CA GLY C 157 4.93 5.90 -12.61
C GLY C 157 4.72 4.46 -13.03
N GLU C 158 4.82 4.25 -14.35
CA GLU C 158 4.54 2.97 -14.97
C GLU C 158 5.84 2.18 -15.15
N LEU C 159 5.92 1.00 -14.54
CA LEU C 159 7.10 0.15 -14.68
C LEU C 159 7.12 -0.49 -16.07
N ILE C 160 8.22 -0.30 -16.79
CA ILE C 160 8.36 -0.90 -18.13
C ILE C 160 9.76 -1.45 -18.33
N SER C 161 9.92 -2.28 -19.35
CA SER C 161 11.22 -2.84 -19.66
C SER C 161 12.11 -1.80 -20.33
N ASP C 162 13.41 -2.03 -20.29
CA ASP C 162 14.39 -1.22 -21.00
C ASP C 162 14.04 -1.11 -22.50
N ALA C 163 13.65 -2.24 -23.10
CA ALA C 163 13.32 -2.30 -24.53
C ALA C 163 12.05 -1.50 -24.87
N GLU C 164 11.02 -1.65 -24.04
CA GLU C 164 9.78 -0.91 -24.20
C GLU C 164 10.07 0.57 -24.04
N ALA C 165 10.92 0.93 -23.08
CA ALA C 165 11.30 2.33 -22.90
C ALA C 165 11.98 2.92 -24.15
N ASP C 166 12.74 2.10 -24.87
CA ASP C 166 13.44 2.61 -26.05
C ASP C 166 12.52 2.80 -27.25
N VAL C 167 11.26 2.38 -27.16
CA VAL C 167 10.31 2.72 -28.23
C VAL C 167 9.17 3.64 -27.79
N ARG C 168 9.28 4.19 -26.58
CA ARG C 168 8.30 5.16 -26.12
C ARG C 168 8.45 6.43 -26.94
N GLU C 169 7.34 6.88 -27.52
CA GLU C 169 7.33 8.07 -28.36
C GLU C 169 7.70 9.33 -27.59
N ASP C 170 7.09 9.50 -26.42
CA ASP C 170 7.38 10.63 -25.54
C ASP C 170 8.42 10.18 -24.53
N ASP C 171 9.62 10.72 -24.62
CA ASP C 171 10.69 10.33 -23.70
C ASP C 171 11.06 11.46 -22.75
N SER C 172 10.06 12.14 -22.23
CA SER C 172 10.30 13.26 -21.33
C SER C 172 10.22 12.87 -19.85
N TYR C 173 9.75 11.65 -19.57
CA TYR C 173 9.44 11.21 -18.20
C TYR C 173 9.97 9.81 -17.88
N LEU C 174 11.01 9.37 -18.60
CA LEU C 174 11.60 8.05 -18.39
C LEU C 174 12.74 8.07 -17.39
N PHE C 175 12.62 7.29 -16.31
CA PHE C 175 13.67 7.23 -15.29
C PHE C 175 14.20 5.80 -15.16
N ASP C 176 15.45 5.59 -15.57
CA ASP C 176 16.05 4.25 -15.49
C ASP C 176 16.30 3.82 -14.06
N LEU C 177 15.91 2.60 -13.72
CA LEU C 177 16.09 2.10 -12.35
C LEU C 177 17.50 1.57 -12.12
N ASP C 178 18.20 1.26 -13.20
CA ASP C 178 19.56 0.78 -13.14
C ASP C 178 20.30 1.23 -14.41
N ASN C 179 21.60 1.45 -14.31
CA ASN C 179 22.36 1.99 -15.43
C ASN C 179 23.13 0.92 -16.21
N LYS C 180 23.11 -0.31 -15.70
CA LYS C 180 23.84 -1.43 -16.33
C LYS C 180 23.17 -1.89 -17.62
N ASP C 181 23.91 -2.70 -18.39
CA ASP C 181 23.33 -3.36 -19.55
C ASP C 181 22.70 -4.66 -19.10
N GLY C 182 21.64 -5.08 -19.78
CA GLY C 182 20.97 -6.32 -19.43
C GLY C 182 19.56 -6.12 -18.94
N GLU C 183 19.12 -6.97 -18.03
CA GLU C 183 17.75 -6.92 -17.56
C GLU C 183 17.57 -5.73 -16.62
N VAL C 184 17.19 -4.61 -17.20
CA VAL C 184 16.96 -3.41 -16.42
C VAL C 184 15.60 -2.82 -16.75
N TYR C 185 15.08 -2.03 -15.82
CA TYR C 185 13.72 -1.53 -15.93
C TYR C 185 13.69 -0.02 -15.77
N CYS C 186 12.55 0.55 -16.14
CA CYS C 186 12.41 1.99 -16.26
C CYS C 186 11.07 2.42 -15.69
N ILE C 187 11.03 3.58 -15.06
CA ILE C 187 9.75 4.16 -14.69
C ILE C 187 9.34 5.23 -15.70
N ASP C 188 8.22 5.01 -16.37
CA ASP C 188 7.71 6.03 -17.29
C ASP C 188 6.55 6.75 -16.62
N ALA C 189 6.73 8.04 -16.36
CA ALA C 189 5.70 8.79 -15.67
C ALA C 189 4.85 9.58 -16.67
N ARG C 190 4.95 9.27 -17.96
CA ARG C 190 4.22 10.02 -18.98
C ARG C 190 2.72 9.86 -18.86
N TYR C 191 2.26 8.61 -18.77
CA TYR C 191 0.83 8.33 -18.80
C TYR C 191 0.27 8.15 -17.41
N TYR C 192 1.11 7.61 -16.54
CA TYR C 192 0.79 7.43 -15.14
C TYR C 192 1.94 7.97 -14.31
N GLY C 193 1.68 8.86 -13.36
CA GLY C 193 2.74 9.45 -12.58
C GLY C 193 2.19 10.16 -11.34
N ASN C 194 3.08 10.49 -10.41
CA ASN C 194 2.71 11.33 -9.26
C ASN C 194 3.31 12.72 -9.42
N ILE C 195 3.41 13.48 -8.33
CA ILE C 195 3.90 14.86 -8.38
C ILE C 195 5.32 14.96 -8.94
N SER C 196 6.11 13.89 -8.78
N SER C 196 6.10 13.89 -8.77
CA SER C 196 7.50 13.90 -9.25
CA SER C 196 7.49 13.87 -9.25
C SER C 196 7.63 14.03 -10.77
C SER C 196 7.61 14.07 -10.76
N ARG C 197 6.59 13.67 -11.51
CA ARG C 197 6.62 13.79 -12.97
C ARG C 197 6.74 15.25 -13.40
N PHE C 198 6.45 16.17 -12.48
CA PHE C 198 6.50 17.59 -12.79
C PHE C 198 7.80 18.26 -12.34
N ILE C 199 8.66 17.50 -11.66
CA ILE C 199 9.91 18.08 -11.18
C ILE C 199 10.92 18.29 -12.32
N ASN C 200 11.35 19.54 -12.49
CA ASN C 200 12.20 19.89 -13.61
C ASN C 200 13.67 19.61 -13.33
N HIS C 201 14.48 19.69 -14.37
CA HIS C 201 15.92 19.52 -14.23
C HIS C 201 16.58 20.81 -13.83
N LEU C 202 17.51 20.70 -12.88
CA LEU C 202 18.32 21.83 -12.43
C LEU C 202 19.77 21.43 -12.44
N CYS C 203 20.59 22.22 -13.11
CA CYS C 203 22.02 21.95 -13.19
C CYS C 203 22.69 22.22 -11.85
N ASP C 204 22.01 23.01 -11.03
CA ASP C 204 22.39 23.21 -9.62
C ASP C 204 21.29 22.63 -8.73
N PRO C 205 21.22 21.30 -8.66
CA PRO C 205 20.06 20.61 -8.05
C PRO C 205 19.94 20.79 -6.54
N ASN C 206 18.72 20.76 -6.01
CA ASN C 206 18.53 20.81 -4.56
C ASN C 206 17.93 19.51 -4.01
N ILE C 207 17.76 18.51 -4.86
CA ILE C 207 17.33 17.19 -4.42
C ILE C 207 18.09 16.10 -5.18
N ILE C 208 18.16 14.92 -4.57
CA ILE C 208 18.88 13.80 -5.17
C ILE C 208 18.03 12.53 -5.11
N PRO C 209 18.07 11.72 -6.18
CA PRO C 209 17.41 10.42 -6.21
C PRO C 209 18.23 9.38 -5.47
N VAL C 210 17.56 8.58 -4.64
CA VAL C 210 18.20 7.52 -3.88
C VAL C 210 17.39 6.25 -4.11
N ARG C 211 18.07 5.14 -4.36
CA ARG C 211 17.38 3.87 -4.56
C ARG C 211 17.05 3.26 -3.21
N VAL C 212 15.78 2.92 -3.01
CA VAL C 212 15.31 2.43 -1.72
C VAL C 212 14.48 1.16 -1.87
N PHE C 213 14.62 0.25 -0.91
CA PHE C 213 13.81 -0.96 -0.89
C PHE C 213 12.96 -1.00 0.39
N MET C 214 11.70 -1.40 0.24
CA MET C 214 10.76 -1.41 1.35
C MET C 214 10.03 -2.75 1.49
N LEU C 215 8.92 -2.94 0.79
CA LEU C 215 8.07 -4.13 0.97
C LEU C 215 8.56 -5.36 0.23
N HIS C 216 9.49 -5.16 -0.71
CA HIS C 216 10.14 -6.25 -1.42
C HIS C 216 11.61 -5.90 -1.51
N GLN C 217 12.44 -6.88 -1.84
CA GLN C 217 13.85 -6.59 -2.04
C GLN C 217 14.33 -7.16 -3.38
N ASP C 218 13.47 -7.06 -4.39
CA ASP C 218 13.83 -7.41 -5.76
C ASP C 218 14.74 -6.33 -6.33
N LEU C 219 16.02 -6.67 -6.49
CA LEU C 219 17.04 -5.70 -6.86
C LEU C 219 16.83 -5.11 -8.26
N ARG C 220 15.94 -5.71 -9.05
CA ARG C 220 15.61 -5.17 -10.37
C ARG C 220 14.69 -3.95 -10.25
N PHE C 221 14.04 -3.80 -9.11
CA PHE C 221 13.02 -2.78 -8.96
C PHE C 221 13.23 -1.89 -7.73
N PRO C 222 14.36 -1.18 -7.68
CA PRO C 222 14.45 -0.20 -6.60
C PRO C 222 13.35 0.84 -6.76
N ARG C 223 12.99 1.51 -5.67
CA ARG C 223 12.10 2.64 -5.77
C ARG C 223 12.93 3.91 -5.59
N ILE C 224 12.59 4.93 -6.37
CA ILE C 224 13.38 6.14 -6.43
C ILE C 224 12.85 7.17 -5.45
N ALA C 225 13.65 7.46 -4.43
CA ALA C 225 13.26 8.43 -3.40
C ALA C 225 14.01 9.75 -3.57
N PHE C 226 13.30 10.86 -3.59
CA PHE C 226 13.96 12.17 -3.61
C PHE C 226 14.12 12.74 -2.22
N PHE C 227 15.36 13.09 -1.89
CA PHE C 227 15.69 13.76 -0.64
C PHE C 227 16.33 15.12 -0.95
N SER C 228 16.08 16.13 -0.13
CA SER C 228 16.79 17.40 -0.30
C SER C 228 18.29 17.20 -0.09
N SER C 229 19.11 17.81 -0.94
CA SER C 229 20.56 17.71 -0.81
C SER C 229 21.14 18.95 -0.09
N ARG C 230 20.27 19.92 0.18
CA ARG C 230 20.67 21.09 0.94
C ARG C 230 19.43 21.68 1.58
N ASP C 231 19.59 22.70 2.41
CA ASP C 231 18.43 23.39 2.94
C ASP C 231 17.69 24.07 1.79
N ILE C 232 16.38 23.89 1.74
CA ILE C 232 15.57 24.48 0.68
C ILE C 232 14.66 25.56 1.27
N ARG C 233 14.74 26.74 0.68
CA ARG C 233 13.97 27.89 1.14
C ARG C 233 12.55 27.81 0.62
N THR C 234 11.63 28.46 1.34
CA THR C 234 10.25 28.57 0.93
C THR C 234 10.15 29.20 -0.45
N GLY C 235 9.30 28.63 -1.30
CA GLY C 235 9.09 29.20 -2.62
C GLY C 235 10.03 28.64 -3.67
N GLU C 236 11.11 28.01 -3.25
CA GLU C 236 12.16 27.60 -4.18
C GLU C 236 11.75 26.39 -5.05
N GLU C 237 12.04 26.45 -6.34
CA GLU C 237 11.70 25.33 -7.23
C GLU C 237 12.55 24.09 -6.93
N LEU C 238 11.90 22.94 -6.90
CA LEU C 238 12.63 21.68 -6.72
C LEU C 238 13.16 21.18 -8.05
N GLY C 239 14.35 20.59 -8.03
CA GLY C 239 14.89 19.96 -9.23
C GLY C 239 16.11 19.11 -8.94
N PHE C 240 16.28 18.06 -9.73
CA PHE C 240 17.48 17.22 -9.65
C PHE C 240 18.18 17.23 -11.00
N ASP C 241 19.42 16.75 -11.02
CA ASP C 241 20.18 16.60 -12.27
C ASP C 241 19.67 15.35 -12.99
N TYR C 242 18.99 15.54 -14.12
CA TYR C 242 18.47 14.41 -14.89
C TYR C 242 19.59 13.52 -15.41
N GLY C 243 20.77 14.11 -15.62
CA GLY C 243 21.92 13.37 -16.10
C GLY C 243 22.10 13.36 -17.60
N ASP C 244 23.30 12.99 -18.04
CA ASP C 244 23.68 13.02 -19.45
C ASP C 244 22.88 12.07 -20.35
N ARG C 245 22.35 11.00 -19.78
CA ARG C 245 21.62 10.01 -20.59
C ARG C 245 20.27 10.58 -21.02
N PHE C 246 19.90 11.68 -20.39
CA PHE C 246 18.75 12.48 -20.78
C PHE C 246 19.14 13.55 -21.79
N TRP C 247 20.11 14.37 -21.40
CA TRP C 247 20.43 15.55 -22.19
C TRP C 247 21.20 15.25 -23.49
N ASP C 248 21.91 14.13 -23.54
CA ASP C 248 22.58 13.71 -24.80
C ASP C 248 21.57 13.56 -25.92
N ILE C 249 20.36 13.15 -25.57
CA ILE C 249 19.30 13.03 -26.54
C ILE C 249 18.48 14.31 -26.67
N LYS C 250 18.14 14.88 -25.52
CA LYS C 250 17.15 15.93 -25.44
C LYS C 250 17.67 17.28 -25.96
N SER C 251 18.95 17.54 -25.79
CA SER C 251 19.53 18.85 -26.14
C SER C 251 19.39 19.21 -27.62
N LYS C 252 19.06 18.24 -28.45
CA LYS C 252 18.95 18.51 -29.87
C LYS C 252 17.55 19.06 -30.19
N TYR C 253 16.68 19.05 -29.19
CA TYR C 253 15.28 19.49 -29.37
C TYR C 253 14.96 20.72 -28.52
N PHE C 254 15.65 20.87 -27.39
CA PHE C 254 15.55 22.08 -26.58
C PHE C 254 16.78 22.19 -25.69
N THR C 255 16.98 23.38 -25.12
CA THR C 255 18.14 23.63 -24.29
C THR C 255 17.70 23.86 -22.86
N CYS C 256 18.64 23.86 -21.92
CA CYS C 256 18.27 24.01 -20.53
C CYS C 256 17.97 25.47 -20.18
N GLN C 257 16.89 25.69 -19.44
CA GLN C 257 16.49 27.05 -19.04
C GLN C 257 16.64 27.25 -17.53
N CYS C 258 17.50 26.48 -16.89
CA CYS C 258 17.59 26.54 -15.42
C CYS C 258 18.16 27.88 -14.96
N GLY C 259 18.86 28.58 -15.85
CA GLY C 259 19.34 29.91 -15.54
C GLY C 259 20.52 29.94 -14.59
N SER C 260 20.99 28.77 -14.18
CA SER C 260 22.16 28.69 -13.32
C SER C 260 23.41 29.09 -14.10
N GLU C 261 24.39 29.65 -13.39
CA GLU C 261 25.61 30.09 -14.05
C GLU C 261 26.53 28.90 -14.23
N LYS C 262 26.14 27.76 -13.70
CA LYS C 262 26.88 26.52 -13.88
C LYS C 262 26.12 25.60 -14.83
N CYS C 263 25.08 26.13 -15.46
CA CYS C 263 24.25 25.39 -16.41
C CYS C 263 25.09 24.68 -17.46
N LYS C 264 24.90 23.38 -17.59
CA LYS C 264 25.69 22.58 -18.52
C LYS C 264 25.00 22.34 -19.85
N HIS C 265 23.73 22.69 -19.94
CA HIS C 265 22.94 22.32 -21.11
C HIS C 265 22.15 23.48 -21.70
N SER C 266 22.57 24.71 -21.41
CA SER C 266 21.92 25.88 -22.00
C SER C 266 22.28 26.03 -23.47
N ALA C 267 21.55 26.90 -24.17
CA ALA C 267 21.87 27.23 -25.56
C ALA C 267 23.30 27.72 -25.69
N GLU C 268 23.72 28.57 -24.76
CA GLU C 268 25.08 29.10 -24.76
C GLU C 268 26.13 28.03 -24.45
N ALA C 269 25.83 27.17 -23.48
CA ALA C 269 26.74 26.09 -23.11
C ALA C 269 27.01 25.17 -24.30
N ILE C 270 25.97 24.91 -25.08
CA ILE C 270 26.08 24.02 -26.22
C ILE C 270 26.86 24.72 -27.34
N ALA C 271 26.56 25.99 -27.55
CA ALA C 271 27.26 26.80 -28.56
C ALA C 271 28.76 26.92 -28.25
N LEU C 272 29.10 27.08 -26.98
CA LEU C 272 30.50 27.23 -26.57
C LEU C 272 31.33 25.99 -26.88
N GLU C 273 30.76 24.81 -26.65
CA GLU C 273 31.48 23.56 -26.89
C GLU C 273 31.61 23.26 -28.38
N GLN C 274 30.52 23.45 -29.12
CA GLN C 274 30.51 23.18 -30.55
C GLN C 274 30.95 24.40 -31.35
N THR D 3 24.24 5.43 -23.57
CA THR D 3 23.25 6.23 -24.29
C THR D 3 22.36 5.33 -25.15
N LYS D 4 21.05 5.51 -25.01
CA LYS D 4 20.08 4.60 -25.59
C LYS D 4 19.31 5.27 -26.73
N GLN D 5 18.18 4.68 -27.12
CA GLN D 5 17.40 5.29 -28.20
C GLN D 5 16.45 6.40 -27.69
N THR D 6 16.08 6.33 -26.41
CA THR D 6 15.23 7.36 -25.81
C THR D 6 15.93 8.04 -24.66
N ALA D 7 15.57 9.31 -24.41
CA ALA D 7 16.13 10.05 -23.28
C ALA D 7 15.72 9.36 -21.98
N ARG D 8 16.70 9.07 -21.13
CA ARG D 8 16.45 8.49 -19.80
C ARG D 8 17.07 9.34 -18.72
N SER D 10 18.49 9.51 -14.90
CA SER D 10 19.19 8.47 -14.15
C SER D 10 19.88 9.00 -12.88
N THR D 11 20.34 8.08 -12.03
CA THR D 11 21.03 8.42 -10.78
C THR D 11 22.52 8.67 -11.00
N GLY D 12 22.83 9.67 -11.82
#